data_4RA1
#
_entry.id   4RA1
#
_cell.length_a   77.210
_cell.length_b   113.870
_cell.length_c   113.570
_cell.angle_alpha   90.00
_cell.angle_beta   90.00
_cell.angle_gamma   90.00
#
_symmetry.space_group_name_H-M   'C 2 2 21'
#
loop_
_entity.id
_entity.type
_entity.pdbx_description
1 polymer 'ABC transporter, substrate binding protein (Agrocinopines A and B)'
2 non-polymer 2-O-phosphono-alpha-D-glucopyranose
3 non-polymer 2-O-phosphono-beta-D-glucopyranose
4 non-polymer DI(HYDROXYETHYL)ETHER
5 non-polymer 1,2-ETHANEDIOL
6 water water
#
_entity_poly.entity_id   1
_entity_poly.type   'polypeptide(L)'
_entity_poly.pdbx_seq_one_letter_code
;MQERRALRLGVNGLPNSLEPVNAISNVGPRIVNQIFDTLIARDFFAKGAPGNAIDLVPALAESWERIDEKSVRFKLRQKV
MFHDGVELTADDVAYTFSSERLWGPEAIKKIPLGKSYSLDFDEPVVEDKYTVTLRTKTPSYLIETFVASWMSRIVPKEYY
KKLGAVDFGNKPVGTGPYKFVEFVAGDRVVLEANDAYWGPKPTASKITYQIVAEPATRVAGLISGEYDIITTLTPDDIQL
INSYPDLETRGTLIENFHMFTFNMNQEVFKDKKLRRALALAVNRPIMVEALWKKQASIPAGFNFPNYGETFDPKRKAMEY
NVEEAKRLVKESGYDGTPITYHTMGNYYANAMPALMMMIEMWKQIGVNVVMKTYAPGSFPPDNQTWMRNWSNGQWMTDAY
ATIVPEFGPNGQVQKRWGWKAPAEFNELCQKVTVLPNGKERFDAYNRMRDIFEEEAPAVILYQPYDVYAARKDVHWKPVS
FEMMEFRNNLSFGHHHHHH
;
_entity_poly.pdbx_strand_id   A
#
# COMPACT_ATOMS: atom_id res chain seq x y z
N ARG A 4 -15.20 -18.00 21.92
CA ARG A 4 -14.60 -17.61 20.63
C ARG A 4 -13.18 -18.16 20.47
N ARG A 5 -12.84 -18.56 19.24
CA ARG A 5 -11.53 -19.10 18.90
C ARG A 5 -10.51 -17.99 18.66
N ALA A 6 -9.25 -18.25 19.00
CA ALA A 6 -8.16 -17.31 18.73
C ALA A 6 -7.79 -17.51 17.25
N LEU A 7 -7.54 -16.41 16.54
CA LEU A 7 -7.14 -16.49 15.12
C LEU A 7 -5.63 -16.42 15.02
N ARG A 8 -5.00 -17.42 14.41
CA ARG A 8 -3.54 -17.45 14.27
C ARG A 8 -3.14 -17.26 12.82
N LEU A 9 -2.42 -16.18 12.56
CA LEU A 9 -1.96 -15.79 11.22
C LEU A 9 -0.47 -15.93 11.03
N GLY A 10 -0.10 -16.58 9.93
CA GLY A 10 1.27 -16.78 9.50
C GLY A 10 1.54 -15.75 8.41
N VAL A 11 2.36 -14.75 8.73
CA VAL A 11 2.59 -13.60 7.85
C VAL A 11 4.00 -13.49 7.26
N ASN A 12 4.12 -12.78 6.13
CA ASN A 12 5.39 -12.54 5.43
C ASN A 12 6.28 -11.48 6.14
N GLY A 13 5.67 -10.60 6.91
CA GLY A 13 6.40 -9.55 7.61
C GLY A 13 5.52 -8.70 8.50
N LEU A 14 6.12 -7.77 9.24
CA LEU A 14 5.39 -6.89 10.14
C LEU A 14 5.84 -5.47 9.93
N PRO A 15 5.01 -4.45 10.28
CA PRO A 15 5.48 -3.06 10.16
C PRO A 15 6.42 -2.76 11.34
N ASN A 16 7.20 -1.67 11.30
CA ASN A 16 8.06 -1.37 12.44
C ASN A 16 7.31 -0.49 13.46
N SER A 17 6.08 -0.09 13.11
CA SER A 17 5.21 0.78 13.96
C SER A 17 3.74 0.48 13.69
N LEU A 18 2.89 0.65 14.73
CA LEU A 18 1.44 0.48 14.64
C LEU A 18 0.74 1.86 14.57
N GLU A 19 1.57 2.94 14.47
CA GLU A 19 1.09 4.29 14.20
C GLU A 19 0.50 4.11 12.75
N PRO A 20 -0.83 4.35 12.54
CA PRO A 20 -1.44 3.97 11.25
C PRO A 20 -0.88 4.53 9.95
N VAL A 21 -0.37 5.78 9.95
CA VAL A 21 0.22 6.34 8.72
C VAL A 21 1.59 5.69 8.52
N ASN A 22 2.39 5.60 9.58
CA ASN A 22 3.71 4.96 9.54
C ASN A 22 3.65 3.48 9.19
N ALA A 23 2.50 2.82 9.46
CA ALA A 23 2.24 1.39 9.17
C ALA A 23 1.90 1.13 7.69
N ILE A 24 1.80 2.18 6.84
CA ILE A 24 1.45 2.02 5.42
C ILE A 24 2.52 1.20 4.70
N SER A 25 2.12 0.00 4.22
CA SER A 25 2.96 -1.01 3.57
C SER A 25 2.09 -2.21 3.21
N ASN A 26 2.70 -3.30 2.71
CA ASN A 26 1.92 -4.52 2.42
C ASN A 26 1.57 -5.23 3.71
N VAL A 27 2.35 -4.97 4.79
CA VAL A 27 2.23 -5.69 6.06
C VAL A 27 1.53 -5.00 7.23
N GLY A 28 1.45 -3.68 7.20
CA GLY A 28 0.84 -2.90 8.29
C GLY A 28 -0.68 -2.88 8.25
N PRO A 29 -1.33 -2.54 7.12
CA PRO A 29 -2.82 -2.44 7.10
C PRO A 29 -3.62 -3.63 7.61
N ARG A 30 -3.15 -4.89 7.42
CA ARG A 30 -3.89 -6.07 7.92
C ARG A 30 -3.96 -6.07 9.45
N ILE A 31 -3.08 -5.30 10.10
CA ILE A 31 -3.06 -5.16 11.56
C ILE A 31 -3.82 -3.87 11.95
N VAL A 32 -3.40 -2.70 11.39
CA VAL A 32 -4.00 -1.40 11.74
C VAL A 32 -5.49 -1.23 11.35
N ASN A 33 -5.96 -2.03 10.38
CA ASN A 33 -7.36 -2.07 9.95
C ASN A 33 -8.21 -2.61 11.08
N GLN A 34 -7.61 -3.41 11.97
CA GLN A 34 -8.29 -3.99 13.14
C GLN A 34 -8.34 -3.03 14.31
N ILE A 35 -7.24 -2.31 14.53
CA ILE A 35 -7.14 -1.40 15.69
C ILE A 35 -7.97 -0.11 15.55
N PHE A 36 -8.11 0.41 14.32
CA PHE A 36 -8.70 1.70 14.04
C PHE A 36 -9.86 1.65 13.06
N ASP A 37 -10.51 2.82 12.89
CA ASP A 37 -11.57 3.00 11.92
C ASP A 37 -11.27 4.29 11.15
N THR A 38 -11.96 4.46 10.03
CA THR A 38 -11.89 5.66 9.21
C THR A 38 -13.27 6.33 9.29
N LEU A 39 -13.39 7.57 8.76
CA LEU A 39 -14.66 8.29 8.79
C LEU A 39 -15.67 7.64 7.83
N ILE A 40 -15.16 7.25 6.64
CA ILE A 40 -15.87 6.58 5.54
C ILE A 40 -15.10 5.26 5.34
N ALA A 41 -15.79 4.17 5.05
CA ALA A 41 -15.12 2.89 4.84
C ALA A 41 -15.61 2.27 3.54
N ARG A 42 -14.85 1.30 3.05
CA ARG A 42 -15.22 0.62 1.82
C ARG A 42 -15.90 -0.69 2.14
N ASP A 43 -17.03 -0.96 1.46
CA ASP A 43 -17.73 -2.22 1.66
C ASP A 43 -17.37 -3.05 0.44
N PHE A 44 -16.30 -3.85 0.60
CA PHE A 44 -15.79 -4.70 -0.49
C PHE A 44 -16.78 -5.81 -0.92
N PHE A 45 -17.78 -6.12 -0.08
CA PHE A 45 -18.73 -7.21 -0.34
C PHE A 45 -20.14 -6.79 -0.76
N ALA A 46 -20.31 -5.49 -1.05
CA ALA A 46 -21.59 -4.91 -1.49
C ALA A 46 -22.10 -5.59 -2.78
N LYS A 47 -23.43 -5.77 -2.89
CA LYS A 47 -24.13 -6.37 -4.03
C LYS A 47 -23.50 -7.70 -4.53
N GLY A 48 -23.20 -8.60 -3.59
CA GLY A 48 -22.62 -9.91 -3.85
C GLY A 48 -21.28 -9.94 -4.56
N ALA A 49 -20.50 -8.82 -4.48
CA ALA A 49 -19.18 -8.74 -5.11
C ALA A 49 -18.17 -9.64 -4.39
N PRO A 50 -17.22 -10.25 -5.12
CA PRO A 50 -16.26 -11.16 -4.46
C PRO A 50 -15.07 -10.42 -3.82
N GLY A 51 -15.37 -9.51 -2.91
CA GLY A 51 -14.38 -8.73 -2.19
C GLY A 51 -13.70 -7.62 -2.95
N ASN A 52 -14.31 -7.15 -4.05
CA ASN A 52 -13.74 -6.08 -4.87
C ASN A 52 -14.70 -4.89 -5.07
N ALA A 53 -15.87 -4.87 -4.39
CA ALA A 53 -16.84 -3.75 -4.59
C ALA A 53 -16.21 -2.40 -4.28
N ILE A 54 -16.56 -1.38 -5.06
CA ILE A 54 -15.96 -0.03 -4.90
C ILE A 54 -16.79 0.86 -3.94
N ASP A 55 -17.94 0.34 -3.46
CA ASP A 55 -18.92 1.02 -2.62
C ASP A 55 -18.36 1.55 -1.31
N LEU A 56 -18.64 2.84 -1.05
CA LEU A 56 -18.23 3.52 0.18
C LEU A 56 -19.43 3.65 1.09
N VAL A 57 -19.21 3.40 2.39
CA VAL A 57 -20.29 3.42 3.40
C VAL A 57 -19.92 4.26 4.65
N PRO A 58 -20.91 4.75 5.41
CA PRO A 58 -20.58 5.47 6.65
C PRO A 58 -19.89 4.53 7.64
N ALA A 59 -18.93 5.09 8.36
CA ALA A 59 -18.19 4.36 9.38
C ALA A 59 -18.18 5.28 10.64
N LEU A 60 -17.04 5.92 10.99
CA LEU A 60 -17.03 6.85 12.14
C LEU A 60 -17.87 8.10 11.85
N ALA A 61 -18.02 8.46 10.56
CA ALA A 61 -18.90 9.56 10.17
C ALA A 61 -20.21 8.91 9.73
N GLU A 62 -21.33 9.29 10.38
CA GLU A 62 -22.66 8.78 10.04
C GLU A 62 -23.11 9.34 8.69
N SER A 63 -22.69 10.57 8.41
CA SER A 63 -22.99 11.26 7.16
C SER A 63 -21.94 12.35 6.94
N TRP A 64 -21.88 12.86 5.71
CA TRP A 64 -20.97 13.93 5.32
C TRP A 64 -21.52 14.60 4.11
N GLU A 65 -21.15 15.86 3.94
CA GLU A 65 -21.58 16.66 2.80
C GLU A 65 -20.47 17.60 2.35
N ARG A 66 -20.22 17.65 1.04
CA ARG A 66 -19.27 18.60 0.48
C ARG A 66 -19.92 19.99 0.49
N ILE A 67 -19.25 20.94 1.16
CA ILE A 67 -19.71 22.32 1.29
C ILE A 67 -19.35 23.17 0.08
N ASP A 68 -18.09 23.08 -0.37
CA ASP A 68 -17.59 23.85 -1.52
C ASP A 68 -16.40 23.09 -2.15
N GLU A 69 -15.64 23.72 -3.05
CA GLU A 69 -14.50 23.08 -3.73
C GLU A 69 -13.34 22.65 -2.80
N LYS A 70 -13.33 23.14 -1.55
CA LYS A 70 -12.24 22.83 -0.62
C LYS A 70 -12.65 22.35 0.79
N SER A 71 -13.92 21.93 0.98
CA SER A 71 -14.32 21.49 2.32
C SER A 71 -15.45 20.51 2.34
N VAL A 72 -15.38 19.58 3.30
CA VAL A 72 -16.39 18.55 3.52
C VAL A 72 -16.74 18.51 5.02
N ARG A 73 -18.03 18.64 5.33
CA ARG A 73 -18.50 18.63 6.72
C ARG A 73 -18.92 17.22 7.11
N PHE A 74 -18.43 16.72 8.25
CA PHE A 74 -18.71 15.36 8.71
C PHE A 74 -19.51 15.37 10.00
N LYS A 75 -20.60 14.57 10.04
CA LYS A 75 -21.44 14.37 11.22
C LYS A 75 -21.00 13.04 11.79
N LEU A 76 -20.41 13.09 12.98
CA LEU A 76 -19.87 11.89 13.61
C LEU A 76 -20.86 11.01 14.33
N ARG A 77 -20.59 9.69 14.31
CA ARG A 77 -21.32 8.69 15.09
C ARG A 77 -21.09 9.10 16.55
N GLN A 78 -22.14 8.99 17.36
CA GLN A 78 -22.06 9.39 18.76
C GLN A 78 -21.83 8.21 19.68
N LYS A 79 -21.16 8.48 20.82
CA LYS A 79 -20.88 7.48 21.85
C LYS A 79 -19.93 6.35 21.43
N VAL A 80 -19.06 6.61 20.41
CA VAL A 80 -18.04 5.64 19.99
C VAL A 80 -16.94 5.78 21.02
N MET A 81 -16.41 4.67 21.52
CA MET A 81 -15.31 4.76 22.47
C MET A 81 -14.00 4.23 21.90
N PHE A 82 -12.90 4.88 22.30
CA PHE A 82 -11.55 4.36 22.02
C PHE A 82 -11.39 3.19 23.00
N HIS A 83 -10.37 2.36 22.81
CA HIS A 83 -10.14 1.17 23.63
C HIS A 83 -9.94 1.42 25.14
N ASP A 84 -9.54 2.64 25.52
CA ASP A 84 -9.34 3.05 26.93
C ASP A 84 -10.58 3.71 27.58
N GLY A 85 -11.72 3.67 26.89
CA GLY A 85 -12.97 4.22 27.40
C GLY A 85 -13.25 5.67 27.03
N VAL A 86 -12.26 6.37 26.44
CA VAL A 86 -12.45 7.77 26.05
C VAL A 86 -13.40 7.85 24.84
N GLU A 87 -14.37 8.79 24.87
CA GLU A 87 -15.31 8.95 23.76
C GLU A 87 -14.66 9.69 22.59
N LEU A 88 -14.91 9.19 21.38
CA LEU A 88 -14.45 9.85 20.15
C LEU A 88 -15.27 11.14 19.95
N THR A 89 -14.57 12.26 19.68
CA THR A 89 -15.22 13.53 19.36
C THR A 89 -14.56 14.11 18.13
N ALA A 90 -15.12 15.25 17.63
CA ALA A 90 -14.57 16.03 16.54
C ALA A 90 -13.14 16.51 16.89
N ASP A 91 -12.79 16.59 18.20
CA ASP A 91 -11.45 16.98 18.66
C ASP A 91 -10.40 15.94 18.19
N ASP A 92 -10.75 14.65 18.28
CA ASP A 92 -9.86 13.55 17.84
C ASP A 92 -9.71 13.56 16.34
N VAL A 93 -10.81 13.82 15.62
CA VAL A 93 -10.78 13.84 14.16
C VAL A 93 -9.95 15.05 13.67
N ALA A 94 -10.18 16.25 14.25
CA ALA A 94 -9.38 17.42 13.90
C ALA A 94 -7.88 17.12 14.18
N TYR A 95 -7.55 16.50 15.33
CA TYR A 95 -6.14 16.18 15.64
C TYR A 95 -5.52 15.24 14.58
N THR A 96 -6.28 14.23 14.16
CA THR A 96 -5.86 13.26 13.15
C THR A 96 -5.42 13.98 11.87
N PHE A 97 -6.16 15.02 11.43
CA PHE A 97 -5.88 15.73 10.18
C PHE A 97 -5.20 17.09 10.40
N SER A 98 -4.53 17.27 11.55
CA SER A 98 -3.94 18.55 11.93
C SER A 98 -2.55 18.80 11.35
N SER A 99 -2.15 20.08 11.32
CA SER A 99 -0.79 20.50 10.93
C SER A 99 0.18 19.83 11.93
N GLU A 100 -0.16 19.87 13.23
CA GLU A 100 0.66 19.36 14.33
C GLU A 100 1.00 17.88 14.20
N ARG A 101 -0.02 17.06 13.95
CA ARG A 101 0.17 15.61 13.90
C ARG A 101 0.57 15.06 12.55
N LEU A 102 -0.01 15.60 11.48
CA LEU A 102 0.07 15.02 10.14
C LEU A 102 0.90 15.69 9.05
N TRP A 103 0.52 16.90 8.61
CA TRP A 103 1.03 17.59 7.43
C TRP A 103 1.86 18.86 7.62
N GLY A 104 1.97 19.35 8.84
CA GLY A 104 2.73 20.57 9.10
C GLY A 104 4.23 20.32 9.26
N PRO A 105 5.04 21.43 9.32
CA PRO A 105 6.50 21.29 9.52
C PRO A 105 6.89 20.46 10.77
N GLU A 106 6.14 20.64 11.87
CA GLU A 106 6.31 19.96 13.16
C GLU A 106 5.90 18.45 13.16
N ALA A 107 5.40 17.92 12.03
CA ALA A 107 4.96 16.52 11.91
C ALA A 107 5.95 15.62 11.18
N ILE A 108 6.84 16.22 10.35
CA ILE A 108 7.82 15.49 9.51
C ILE A 108 8.69 14.53 10.33
N LYS A 109 9.15 14.93 11.50
CA LYS A 109 10.00 14.05 12.32
C LYS A 109 9.27 12.81 12.84
N LYS A 110 7.97 12.94 13.15
CA LYS A 110 7.10 11.90 13.70
C LYS A 110 6.52 10.98 12.61
N ILE A 111 6.00 11.58 11.52
CA ILE A 111 5.39 10.86 10.39
C ILE A 111 6.14 11.30 9.13
N PRO A 112 7.28 10.64 8.82
CA PRO A 112 8.14 11.10 7.70
C PRO A 112 7.48 11.35 6.35
N LEU A 113 6.44 10.55 6.02
CA LEU A 113 5.73 10.67 4.76
C LEU A 113 4.36 11.34 4.84
N GLY A 114 3.97 11.81 6.03
CA GLY A 114 2.70 12.49 6.29
C GLY A 114 2.42 13.62 5.34
N LYS A 115 3.30 14.64 5.29
CA LYS A 115 3.12 15.77 4.38
C LYS A 115 3.12 15.37 2.89
N SER A 116 4.09 14.53 2.46
CA SER A 116 4.17 14.13 1.04
C SER A 116 2.95 13.34 0.61
N TYR A 117 2.32 12.55 1.52
CA TYR A 117 1.16 11.73 1.15
C TYR A 117 -0.20 12.43 1.41
N SER A 118 -0.16 13.62 2.01
CA SER A 118 -1.39 14.34 2.36
C SER A 118 -1.80 15.31 1.28
N LEU A 119 -3.07 15.77 1.36
CA LEU A 119 -3.54 16.80 0.44
C LEU A 119 -2.99 18.15 0.93
N ASP A 120 -3.29 19.26 0.21
CA ASP A 120 -2.85 20.60 0.60
C ASP A 120 -3.80 21.05 1.73
N PHE A 121 -3.70 20.38 2.91
CA PHE A 121 -4.69 20.63 3.97
C PHE A 121 -4.62 22.00 4.62
N ASP A 122 -5.79 22.47 5.07
CA ASP A 122 -5.92 23.62 5.92
C ASP A 122 -6.28 22.98 7.26
N GLU A 123 -6.15 23.72 8.36
CA GLU A 123 -6.52 23.19 9.66
C GLU A 123 -8.00 22.74 9.65
N PRO A 124 -8.34 21.55 10.22
CA PRO A 124 -9.75 21.16 10.35
C PRO A 124 -10.55 22.16 11.21
N VAL A 125 -11.87 22.23 11.01
CA VAL A 125 -12.70 23.13 11.82
C VAL A 125 -13.67 22.27 12.64
N VAL A 126 -13.56 22.34 13.96
CA VAL A 126 -14.47 21.63 14.88
C VAL A 126 -15.69 22.58 15.05
N GLU A 127 -16.87 22.11 14.67
CA GLU A 127 -18.09 22.94 14.80
C GLU A 127 -18.80 22.64 16.11
N ASP A 128 -18.79 21.36 16.51
CA ASP A 128 -19.33 20.88 17.78
C ASP A 128 -18.74 19.51 18.09
N LYS A 129 -19.06 18.96 19.27
CA LYS A 129 -18.57 17.67 19.74
C LYS A 129 -18.64 16.57 18.64
N TYR A 130 -19.69 16.58 17.79
CA TYR A 130 -19.88 15.54 16.76
C TYR A 130 -19.89 16.06 15.33
N THR A 131 -19.28 17.23 15.09
CA THR A 131 -19.29 17.81 13.74
C THR A 131 -17.95 18.44 13.49
N VAL A 132 -17.32 18.00 12.40
CA VAL A 132 -15.99 18.47 12.01
C VAL A 132 -15.94 18.72 10.50
N THR A 133 -15.28 19.79 10.11
CA THR A 133 -15.09 20.08 8.70
C THR A 133 -13.63 19.92 8.34
N LEU A 134 -13.38 19.10 7.31
CA LEU A 134 -12.04 18.87 6.77
C LEU A 134 -11.86 19.73 5.54
N ARG A 135 -10.77 20.48 5.48
CA ARG A 135 -10.57 21.45 4.41
C ARG A 135 -9.18 21.40 3.81
N THR A 136 -9.07 21.94 2.58
CA THR A 136 -7.81 22.15 1.88
C THR A 136 -7.66 23.68 1.64
N LYS A 137 -6.42 24.15 1.54
CA LYS A 137 -6.09 25.56 1.32
C LYS A 137 -6.41 25.99 -0.11
N THR A 138 -6.34 25.02 -1.03
CA THR A 138 -6.56 25.16 -2.46
C THR A 138 -7.66 24.17 -2.85
N PRO A 139 -8.36 24.33 -3.99
CA PRO A 139 -9.43 23.37 -4.35
C PRO A 139 -8.96 21.92 -4.40
N SER A 140 -9.77 20.98 -3.86
CA SER A 140 -9.47 19.55 -3.89
C SER A 140 -10.75 18.78 -3.92
N TYR A 141 -10.89 17.96 -4.93
CA TYR A 141 -12.06 17.11 -5.07
C TYR A 141 -11.70 15.69 -4.56
N LEU A 142 -10.53 15.57 -3.87
CA LEU A 142 -10.01 14.29 -3.36
C LEU A 142 -10.23 14.08 -1.86
N ILE A 143 -10.88 15.05 -1.16
CA ILE A 143 -11.07 14.93 0.29
C ILE A 143 -11.78 13.62 0.65
N GLU A 144 -12.87 13.29 -0.06
CA GLU A 144 -13.68 12.09 0.22
C GLU A 144 -12.90 10.80 0.11
N THR A 145 -12.24 10.60 -1.04
CA THR A 145 -11.40 9.38 -1.22
C THR A 145 -10.23 9.34 -0.21
N PHE A 146 -9.62 10.50 0.06
CA PHE A 146 -8.51 10.56 1.05
C PHE A 146 -9.02 10.03 2.42
N VAL A 147 -10.17 10.55 2.85
CA VAL A 147 -10.81 10.19 4.12
C VAL A 147 -11.18 8.70 4.23
N ALA A 148 -11.44 8.03 3.11
CA ALA A 148 -11.75 6.58 3.14
C ALA A 148 -10.47 5.71 3.14
N SER A 149 -9.31 6.36 2.92
CA SER A 149 -8.02 5.72 2.75
C SER A 149 -7.26 5.35 4.02
N TRP A 150 -6.16 4.57 3.84
CA TRP A 150 -5.26 4.15 4.91
C TRP A 150 -4.49 5.36 5.54
N MET A 151 -4.60 6.57 4.95
CA MET A 151 -3.95 7.76 5.54
C MET A 151 -4.83 8.36 6.64
N SER A 152 -6.06 7.84 6.77
CA SER A 152 -7.11 8.48 7.56
C SER A 152 -7.71 7.72 8.75
N ARG A 153 -6.97 6.76 9.30
CA ARG A 153 -7.41 6.07 10.52
C ARG A 153 -7.36 7.12 11.65
N ILE A 154 -8.46 7.19 12.42
CA ILE A 154 -8.63 8.21 13.48
C ILE A 154 -7.91 7.82 14.77
N VAL A 155 -7.03 8.71 15.22
CA VAL A 155 -6.24 8.46 16.44
C VAL A 155 -6.83 9.24 17.63
N PRO A 156 -6.61 8.80 18.89
CA PRO A 156 -7.12 9.59 20.04
C PRO A 156 -6.18 10.76 20.36
N LYS A 157 -6.68 12.00 20.34
CA LYS A 157 -5.85 13.17 20.60
C LYS A 157 -5.05 13.14 21.92
N GLU A 158 -5.72 13.05 23.07
CA GLU A 158 -5.05 13.13 24.38
C GLU A 158 -4.01 12.03 24.58
N TYR A 159 -4.41 10.78 24.32
CA TYR A 159 -3.52 9.62 24.44
C TYR A 159 -2.31 9.71 23.50
N TYR A 160 -2.55 10.04 22.22
CA TYR A 160 -1.50 10.18 21.22
C TYR A 160 -0.52 11.28 21.61
N LYS A 161 -1.03 12.46 22.03
CA LYS A 161 -0.18 13.58 22.46
C LYS A 161 0.61 13.21 23.71
N LYS A 162 0.00 12.44 24.61
CA LYS A 162 0.64 12.01 25.86
C LYS A 162 1.86 11.12 25.58
N LEU A 163 1.70 10.14 24.69
CA LEU A 163 2.78 9.18 24.36
C LEU A 163 3.78 9.68 23.34
N GLY A 164 3.30 10.45 22.36
CA GLY A 164 4.09 10.89 21.22
C GLY A 164 3.96 9.83 20.14
N ALA A 165 4.20 10.18 18.87
CA ALA A 165 4.04 9.23 17.76
C ALA A 165 4.84 7.94 17.89
N VAL A 166 6.10 7.99 18.42
CA VAL A 166 6.92 6.76 18.56
C VAL A 166 6.31 5.79 19.57
N ASP A 167 6.12 6.22 20.83
CA ASP A 167 5.53 5.37 21.88
C ASP A 167 4.10 4.94 21.53
N PHE A 168 3.32 5.83 20.86
CA PHE A 168 1.98 5.47 20.39
C PHE A 168 2.05 4.26 19.44
N GLY A 169 2.98 4.28 18.50
CA GLY A 169 3.21 3.21 17.54
C GLY A 169 3.53 1.86 18.16
N ASN A 170 4.02 1.88 19.41
CA ASN A 170 4.34 0.68 20.20
C ASN A 170 3.20 0.27 21.16
N LYS A 171 2.23 1.17 21.39
CA LYS A 171 1.10 0.95 22.31
C LYS A 171 -0.15 1.66 21.72
N PRO A 172 -0.63 1.26 20.52
CA PRO A 172 -1.75 2.00 19.88
C PRO A 172 -3.08 1.86 20.60
N VAL A 173 -3.89 2.92 20.52
CA VAL A 173 -5.25 2.93 21.03
C VAL A 173 -6.10 3.48 19.87
N GLY A 174 -7.11 2.73 19.45
CA GLY A 174 -8.00 3.11 18.37
C GLY A 174 -9.45 2.82 18.75
N THR A 175 -10.37 2.89 17.78
CA THR A 175 -11.80 2.61 17.99
C THR A 175 -12.21 1.25 17.38
N GLY A 176 -11.27 0.58 16.69
CA GLY A 176 -11.50 -0.66 15.94
C GLY A 176 -11.96 -1.89 16.68
N PRO A 177 -12.33 -2.95 15.90
CA PRO A 177 -12.89 -4.20 16.50
C PRO A 177 -11.88 -4.99 17.35
N TYR A 178 -10.58 -4.70 17.20
CA TYR A 178 -9.54 -5.38 17.97
C TYR A 178 -8.61 -4.39 18.62
N LYS A 179 -8.22 -4.68 19.87
CA LYS A 179 -7.35 -3.85 20.64
C LYS A 179 -5.99 -4.47 20.90
N PHE A 180 -5.00 -3.60 21.06
CA PHE A 180 -3.62 -3.95 21.24
C PHE A 180 -3.32 -4.79 22.50
N VAL A 181 -2.58 -5.89 22.32
CA VAL A 181 -2.12 -6.77 23.42
C VAL A 181 -0.59 -6.68 23.51
N GLU A 182 0.11 -6.99 22.43
CA GLU A 182 1.58 -6.92 22.41
C GLU A 182 2.14 -6.75 21.00
N PHE A 183 3.37 -6.24 20.93
CA PHE A 183 4.13 -6.07 19.71
C PHE A 183 5.56 -6.40 20.05
N VAL A 184 6.05 -7.52 19.51
CA VAL A 184 7.42 -7.95 19.71
C VAL A 184 8.07 -7.66 18.38
N ALA A 185 8.84 -6.55 18.33
CA ALA A 185 9.52 -6.05 17.13
C ALA A 185 10.17 -7.17 16.33
N GLY A 186 9.76 -7.31 15.07
CA GLY A 186 10.27 -8.34 14.17
C GLY A 186 9.89 -9.77 14.50
N ASP A 187 8.79 -9.99 15.26
CA ASP A 187 8.39 -11.35 15.65
C ASP A 187 6.88 -11.55 15.60
N ARG A 188 6.14 -10.77 16.40
CA ARG A 188 4.69 -10.92 16.43
C ARG A 188 3.93 -9.74 16.99
N VAL A 189 2.66 -9.69 16.63
CA VAL A 189 1.69 -8.73 17.13
C VAL A 189 0.51 -9.54 17.63
N VAL A 190 0.00 -9.21 18.81
CA VAL A 190 -1.18 -9.88 19.36
C VAL A 190 -2.23 -8.78 19.60
N LEU A 191 -3.47 -9.07 19.19
CA LEU A 191 -4.64 -8.22 19.41
C LEU A 191 -5.72 -9.08 20.07
N GLU A 192 -6.59 -8.46 20.87
CA GLU A 192 -7.73 -9.14 21.48
C GLU A 192 -9.03 -8.41 21.07
N ALA A 193 -10.15 -9.15 21.14
CA ALA A 193 -11.48 -8.63 20.79
C ALA A 193 -11.82 -7.38 21.60
N ASN A 194 -12.36 -6.37 20.89
CA ASN A 194 -12.86 -5.15 21.51
C ASN A 194 -14.36 -5.39 21.57
N ASP A 195 -14.84 -5.87 22.73
CA ASP A 195 -16.25 -6.17 22.90
C ASP A 195 -17.15 -4.93 23.07
N ALA A 196 -16.55 -3.73 23.10
CA ALA A 196 -17.27 -2.45 23.19
C ALA A 196 -17.28 -1.79 21.79
N TYR A 197 -16.93 -2.56 20.72
CA TYR A 197 -16.91 -2.05 19.34
C TYR A 197 -18.28 -1.50 18.91
N TRP A 198 -18.29 -0.37 18.18
CA TRP A 198 -19.56 0.24 17.73
C TRP A 198 -20.20 -0.54 16.55
N GLY A 199 -19.39 -1.24 15.76
CA GLY A 199 -19.87 -1.99 14.61
C GLY A 199 -20.10 -3.47 14.88
N PRO A 200 -19.92 -4.34 13.84
CA PRO A 200 -20.10 -5.80 14.07
C PRO A 200 -19.18 -6.32 15.17
N LYS A 201 -19.72 -7.08 16.13
CA LYS A 201 -18.94 -7.62 17.25
C LYS A 201 -17.80 -8.52 16.74
N PRO A 202 -16.53 -8.32 17.19
CA PRO A 202 -15.42 -9.20 16.75
C PRO A 202 -15.73 -10.68 17.02
N THR A 203 -15.41 -11.56 16.04
CA THR A 203 -15.73 -13.01 16.10
C THR A 203 -14.57 -13.90 16.57
N ALA A 204 -13.39 -13.31 16.73
CA ALA A 204 -12.23 -14.03 17.25
C ALA A 204 -11.95 -13.44 18.63
N SER A 205 -11.52 -14.28 19.58
CA SER A 205 -11.18 -13.83 20.93
C SER A 205 -9.86 -13.01 20.88
N LYS A 206 -8.96 -13.41 19.98
CA LYS A 206 -7.61 -12.87 19.79
C LYS A 206 -7.20 -13.03 18.36
N ILE A 207 -6.24 -12.20 17.92
CA ILE A 207 -5.59 -12.33 16.62
C ILE A 207 -4.06 -12.22 16.83
N THR A 208 -3.30 -13.21 16.32
CA THR A 208 -1.83 -13.20 16.32
C THR A 208 -1.32 -13.12 14.90
N TYR A 209 -0.36 -12.23 14.66
CA TYR A 209 0.31 -12.10 13.37
C TYR A 209 1.74 -12.53 13.66
N GLN A 210 2.08 -13.80 13.34
CA GLN A 210 3.42 -14.32 13.59
C GLN A 210 4.21 -14.29 12.29
N ILE A 211 5.37 -13.62 12.31
CA ILE A 211 6.22 -13.57 11.12
C ILE A 211 6.78 -14.98 10.86
N VAL A 212 6.64 -15.43 9.60
CA VAL A 212 7.25 -16.69 9.15
C VAL A 212 7.83 -16.26 7.79
N ALA A 213 9.08 -15.78 7.81
CA ALA A 213 9.74 -15.21 6.62
C ALA A 213 9.74 -16.10 5.37
N GLU A 214 10.04 -17.40 5.55
CA GLU A 214 10.12 -18.40 4.48
C GLU A 214 8.75 -18.97 4.12
N PRO A 215 8.29 -18.79 2.86
CA PRO A 215 6.97 -19.30 2.48
C PRO A 215 6.77 -20.81 2.66
N ALA A 216 7.80 -21.64 2.40
CA ALA A 216 7.72 -23.10 2.59
C ALA A 216 7.44 -23.42 4.06
N THR A 217 8.12 -22.70 5.00
CA THR A 217 7.95 -22.85 6.44
C THR A 217 6.55 -22.36 6.85
N ARG A 218 6.08 -21.29 6.20
CA ARG A 218 4.75 -20.73 6.44
C ARG A 218 3.69 -21.77 6.06
N VAL A 219 3.86 -22.40 4.87
CA VAL A 219 2.98 -23.45 4.34
C VAL A 219 2.94 -24.67 5.29
N ALA A 220 4.11 -25.12 5.79
CA ALA A 220 4.22 -26.25 6.74
C ALA A 220 3.55 -25.94 8.09
N GLY A 221 3.59 -24.65 8.49
CA GLY A 221 2.99 -24.15 9.71
C GLY A 221 1.48 -24.25 9.70
N LEU A 222 0.85 -24.02 8.52
CA LEU A 222 -0.59 -24.16 8.33
C LEU A 222 -0.91 -25.68 8.36
N ILE A 223 -0.08 -26.50 7.68
CA ILE A 223 -0.19 -27.96 7.60
C ILE A 223 -0.12 -28.62 9.00
N SER A 224 0.82 -28.19 9.86
CA SER A 224 1.00 -28.72 11.22
C SER A 224 -0.07 -28.24 12.22
N GLY A 225 -0.86 -27.24 11.81
CA GLY A 225 -1.93 -26.68 12.63
C GLY A 225 -1.51 -25.53 13.52
N GLU A 226 -0.35 -24.91 13.21
CA GLU A 226 0.18 -23.75 13.95
C GLU A 226 -0.57 -22.47 13.57
N TYR A 227 -1.11 -22.41 12.34
CA TYR A 227 -1.80 -21.22 11.78
C TYR A 227 -3.15 -21.56 11.17
N ASP A 228 -4.09 -20.59 11.23
CA ASP A 228 -5.44 -20.69 10.66
C ASP A 228 -5.47 -20.15 9.24
N ILE A 229 -4.71 -19.07 8.98
CA ILE A 229 -4.60 -18.41 7.66
C ILE A 229 -3.15 -18.00 7.49
N ILE A 230 -2.60 -18.15 6.28
CA ILE A 230 -1.24 -17.73 5.93
C ILE A 230 -1.31 -16.80 4.74
N THR A 231 -0.37 -15.86 4.68
CA THR A 231 -0.39 -14.83 3.63
C THR A 231 0.73 -14.98 2.63
N THR A 232 0.64 -14.18 1.54
CA THR A 232 1.72 -13.94 0.57
C THR A 232 2.30 -15.22 -0.08
N LEU A 233 1.42 -16.05 -0.63
CA LEU A 233 1.84 -17.27 -1.31
C LEU A 233 1.94 -17.01 -2.82
N THR A 234 2.32 -18.02 -3.57
CA THR A 234 2.43 -17.87 -5.02
C THR A 234 1.53 -18.90 -5.69
N PRO A 235 1.11 -18.67 -6.97
CA PRO A 235 0.27 -19.66 -7.66
C PRO A 235 0.80 -21.10 -7.72
N ASP A 236 2.13 -21.29 -7.51
CA ASP A 236 2.79 -22.61 -7.48
C ASP A 236 2.41 -23.43 -6.24
N ASP A 237 2.04 -22.75 -5.13
CA ASP A 237 1.63 -23.36 -3.87
C ASP A 237 0.18 -23.86 -3.89
N ILE A 238 -0.62 -23.40 -4.87
CA ILE A 238 -2.04 -23.67 -5.01
C ILE A 238 -2.42 -25.14 -5.09
N GLN A 239 -1.85 -25.88 -6.07
CA GLN A 239 -2.17 -27.29 -6.26
C GLN A 239 -1.93 -28.15 -5.02
N LEU A 240 -0.78 -27.98 -4.34
CA LEU A 240 -0.51 -28.76 -3.13
C LEU A 240 -1.43 -28.40 -1.98
N ILE A 241 -1.59 -27.10 -1.70
CA ILE A 241 -2.45 -26.73 -0.57
C ILE A 241 -3.84 -27.32 -0.76
N ASN A 242 -4.41 -27.13 -1.95
CA ASN A 242 -5.73 -27.66 -2.28
C ASN A 242 -5.82 -29.20 -2.27
N SER A 243 -4.66 -29.93 -2.24
CA SER A 243 -4.60 -31.40 -2.15
C SER A 243 -5.07 -31.91 -0.77
N TYR A 244 -5.14 -31.01 0.24
CA TYR A 244 -5.61 -31.36 1.58
C TYR A 244 -7.11 -31.13 1.66
N PRO A 245 -7.90 -32.14 2.14
CA PRO A 245 -9.36 -31.94 2.24
C PRO A 245 -9.78 -30.80 3.17
N ASP A 246 -9.00 -30.55 4.24
CA ASP A 246 -9.24 -29.53 5.27
C ASP A 246 -8.74 -28.12 4.93
N LEU A 247 -7.83 -28.00 3.92
CA LEU A 247 -7.23 -26.72 3.54
C LEU A 247 -7.67 -26.23 2.17
N GLU A 248 -7.49 -24.92 1.92
CA GLU A 248 -7.76 -24.28 0.63
C GLU A 248 -7.02 -22.96 0.45
N THR A 249 -6.76 -22.60 -0.81
CA THR A 249 -6.18 -21.30 -1.12
C THR A 249 -7.31 -20.34 -1.43
N ARG A 250 -7.11 -19.06 -1.10
CA ARG A 250 -8.08 -17.99 -1.35
C ARG A 250 -7.27 -16.82 -1.89
N GLY A 251 -7.57 -16.43 -3.12
CA GLY A 251 -6.77 -15.39 -3.74
C GLY A 251 -7.53 -14.38 -4.54
N THR A 252 -6.88 -13.25 -4.78
CA THR A 252 -7.50 -12.20 -5.57
C THR A 252 -6.45 -11.27 -6.10
N LEU A 253 -6.72 -10.68 -7.27
CA LEU A 253 -5.90 -9.60 -7.78
C LEU A 253 -6.15 -8.44 -6.84
N ILE A 254 -5.10 -7.70 -6.51
CA ILE A 254 -5.26 -6.54 -5.60
C ILE A 254 -4.87 -5.23 -6.28
N GLU A 255 -5.35 -4.12 -5.71
CA GLU A 255 -5.12 -2.75 -6.20
C GLU A 255 -3.73 -2.27 -5.76
N ASN A 256 -2.70 -2.95 -6.31
CA ASN A 256 -1.30 -2.70 -6.02
C ASN A 256 -0.50 -3.18 -7.21
N PHE A 257 0.66 -2.59 -7.43
CA PHE A 257 1.57 -3.07 -8.45
C PHE A 257 2.95 -3.31 -7.88
N HIS A 258 3.58 -4.43 -8.26
CA HIS A 258 4.96 -4.73 -7.90
C HIS A 258 5.82 -3.98 -8.89
N MET A 259 7.00 -3.56 -8.46
CA MET A 259 7.89 -2.85 -9.36
C MET A 259 9.34 -3.03 -8.96
N PHE A 260 10.25 -2.53 -9.81
CA PHE A 260 11.62 -2.32 -9.37
C PHE A 260 11.94 -0.86 -9.63
N THR A 261 12.84 -0.30 -8.82
CA THR A 261 13.21 1.11 -8.89
C THR A 261 14.70 1.28 -8.65
N PHE A 262 15.16 2.54 -8.73
CA PHE A 262 16.59 2.82 -8.71
C PHE A 262 16.99 3.88 -7.71
N ASN A 263 18.25 3.80 -7.24
CA ASN A 263 18.85 4.87 -6.48
C ASN A 263 19.46 5.78 -7.56
N MET A 264 18.72 6.83 -7.94
CA MET A 264 19.16 7.75 -9.00
C MET A 264 20.20 8.80 -8.56
N ASN A 265 20.63 8.72 -7.28
CA ASN A 265 21.76 9.52 -6.76
C ASN A 265 23.05 8.82 -7.25
N GLN A 266 22.95 7.50 -7.59
CA GLN A 266 24.10 6.72 -8.08
C GLN A 266 24.44 7.10 -9.51
N GLU A 267 25.75 7.29 -9.83
CA GLU A 267 26.25 7.68 -11.16
C GLU A 267 25.61 6.91 -12.32
N VAL A 268 25.59 5.57 -12.24
CA VAL A 268 25.05 4.68 -13.27
C VAL A 268 23.55 4.93 -13.58
N PHE A 269 22.79 5.44 -12.58
CA PHE A 269 21.35 5.70 -12.71
C PHE A 269 20.93 7.16 -12.73
N LYS A 270 21.90 8.10 -12.81
CA LYS A 270 21.59 9.54 -12.91
C LYS A 270 20.87 9.86 -14.21
N ASP A 271 21.23 9.15 -15.30
CA ASP A 271 20.64 9.31 -16.62
C ASP A 271 19.57 8.24 -16.83
N LYS A 272 18.57 8.56 -17.66
CA LYS A 272 17.46 7.66 -17.96
C LYS A 272 17.84 6.47 -18.85
N LYS A 273 18.98 6.56 -19.59
CA LYS A 273 19.40 5.56 -20.56
C LYS A 273 19.44 4.10 -20.14
N LEU A 274 20.22 3.78 -19.08
CA LEU A 274 20.31 2.42 -18.57
C LEU A 274 19.01 2.03 -17.88
N ARG A 275 18.32 3.00 -17.23
CA ARG A 275 17.04 2.73 -16.55
C ARG A 275 16.02 2.22 -17.59
N ARG A 276 15.96 2.93 -18.75
CA ARG A 276 15.08 2.59 -19.86
C ARG A 276 15.47 1.26 -20.54
N ALA A 277 16.79 1.00 -20.73
CA ALA A 277 17.32 -0.24 -21.31
C ALA A 277 16.85 -1.45 -20.47
N LEU A 278 16.97 -1.33 -19.12
CA LEU A 278 16.57 -2.37 -18.18
C LEU A 278 15.06 -2.61 -18.25
N ALA A 279 14.25 -1.52 -18.34
CA ALA A 279 12.79 -1.62 -18.46
C ALA A 279 12.38 -2.30 -19.78
N LEU A 280 13.03 -1.92 -20.90
CA LEU A 280 12.70 -2.44 -22.23
C LEU A 280 12.98 -3.93 -22.43
N ALA A 281 13.82 -4.52 -21.54
CA ALA A 281 14.22 -5.94 -21.59
C ALA A 281 13.37 -6.84 -20.67
N VAL A 282 12.47 -6.23 -19.89
CA VAL A 282 11.57 -6.94 -18.98
C VAL A 282 10.44 -7.61 -19.79
N ASN A 283 10.49 -8.94 -19.92
CA ASN A 283 9.46 -9.70 -20.63
C ASN A 283 8.40 -10.11 -19.61
N ARG A 284 7.42 -9.20 -19.39
CA ARG A 284 6.34 -9.40 -18.42
C ARG A 284 5.46 -10.60 -18.76
N PRO A 285 5.05 -10.83 -20.04
CA PRO A 285 4.18 -12.00 -20.33
C PRO A 285 4.80 -13.33 -19.90
N ILE A 286 6.12 -13.50 -20.08
CA ILE A 286 6.78 -14.75 -19.69
C ILE A 286 6.84 -14.92 -18.17
N MET A 287 7.01 -13.81 -17.44
CA MET A 287 7.04 -13.81 -15.97
C MET A 287 5.66 -14.16 -15.42
N VAL A 288 4.60 -13.55 -15.99
CA VAL A 288 3.21 -13.76 -15.56
C VAL A 288 2.77 -15.20 -15.84
N GLU A 289 3.19 -15.75 -16.97
CA GLU A 289 2.90 -17.12 -17.34
C GLU A 289 3.66 -18.09 -16.40
N ALA A 290 5.00 -17.95 -16.32
CA ALA A 290 5.86 -18.86 -15.56
C ALA A 290 5.69 -18.82 -14.04
N LEU A 291 5.65 -17.62 -13.44
CA LEU A 291 5.59 -17.47 -12.00
C LEU A 291 4.22 -17.26 -11.43
N TRP A 292 3.30 -16.68 -12.24
CA TRP A 292 1.97 -16.35 -11.77
C TRP A 292 0.84 -17.20 -12.32
N LYS A 293 1.13 -18.14 -13.23
CA LYS A 293 0.11 -19.02 -13.85
C LYS A 293 -1.01 -18.20 -14.52
N LYS A 294 -0.63 -17.03 -15.10
CA LYS A 294 -1.52 -16.08 -15.81
C LYS A 294 -2.51 -15.37 -14.85
N GLN A 295 -2.36 -15.56 -13.52
CA GLN A 295 -3.28 -14.94 -12.51
C GLN A 295 -3.01 -13.45 -12.26
N ALA A 296 -1.74 -13.00 -12.44
CA ALA A 296 -1.34 -11.61 -12.28
C ALA A 296 -1.81 -10.86 -13.52
N SER A 297 -1.87 -9.53 -13.41
CA SER A 297 -2.33 -8.67 -14.50
C SER A 297 -1.22 -7.67 -14.87
N ILE A 298 -1.11 -7.28 -16.15
CA ILE A 298 -0.08 -6.33 -16.60
C ILE A 298 -0.78 -5.03 -17.00
N PRO A 299 -0.64 -3.95 -16.23
CA PRO A 299 -1.36 -2.72 -16.58
C PRO A 299 -0.71 -1.98 -17.75
N ALA A 300 -1.50 -1.17 -18.45
CA ALA A 300 -1.05 -0.33 -19.55
C ALA A 300 -0.51 0.96 -18.91
N GLY A 301 0.70 0.87 -18.34
CA GLY A 301 1.34 2.00 -17.68
C GLY A 301 0.86 2.23 -16.27
N PHE A 302 1.16 3.42 -15.72
CA PHE A 302 0.81 3.84 -14.37
C PHE A 302 -0.67 4.25 -14.45
N ASN A 303 -1.53 3.25 -14.65
CA ASN A 303 -2.91 3.43 -15.05
C ASN A 303 -3.76 2.24 -14.63
N PHE A 304 -4.70 2.45 -13.68
CA PHE A 304 -5.48 1.36 -13.05
C PHE A 304 -6.96 1.67 -13.02
N PRO A 305 -7.82 0.62 -13.21
CA PRO A 305 -9.28 0.83 -13.22
C PRO A 305 -9.86 1.56 -12.00
N ASN A 306 -9.27 1.36 -10.80
CA ASN A 306 -9.76 2.03 -9.58
C ASN A 306 -9.65 3.55 -9.65
N TYR A 307 -8.86 4.08 -10.61
CA TYR A 307 -8.75 5.53 -10.85
C TYR A 307 -10.08 6.14 -11.33
N GLY A 308 -11.00 5.28 -11.79
CA GLY A 308 -12.32 5.68 -12.28
C GLY A 308 -12.25 6.62 -13.46
N GLU A 309 -12.65 7.89 -13.27
CA GLU A 309 -12.67 8.92 -14.32
C GLU A 309 -11.30 9.25 -14.92
N THR A 310 -10.23 8.94 -14.18
CA THR A 310 -8.85 9.21 -14.60
C THR A 310 -8.13 7.91 -14.99
N PHE A 311 -8.91 6.83 -15.23
CA PHE A 311 -8.37 5.60 -15.79
C PHE A 311 -8.47 5.73 -17.31
N ASP A 312 -7.41 5.41 -18.04
CA ASP A 312 -7.49 5.42 -19.49
C ASP A 312 -7.58 3.98 -20.03
N PRO A 313 -8.81 3.53 -20.34
CA PRO A 313 -8.99 2.17 -20.89
C PRO A 313 -8.47 1.98 -22.33
N LYS A 314 -8.21 3.07 -23.07
CA LYS A 314 -7.70 2.99 -24.44
C LYS A 314 -6.17 2.98 -24.52
N ARG A 315 -5.47 3.03 -23.37
CA ARG A 315 -4.01 3.09 -23.35
C ARG A 315 -3.32 1.80 -23.79
N LYS A 316 -2.30 1.94 -24.65
CA LYS A 316 -1.47 0.85 -25.16
C LYS A 316 -0.65 0.22 -24.05
N ALA A 317 -0.30 -1.06 -24.22
CA ALA A 317 0.57 -1.81 -23.31
C ALA A 317 1.99 -1.18 -23.29
N MET A 318 2.71 -1.36 -22.16
CA MET A 318 4.08 -0.85 -22.03
C MET A 318 4.98 -1.62 -23.02
N GLU A 319 5.93 -0.89 -23.64
CA GLU A 319 6.82 -1.44 -24.66
C GLU A 319 7.80 -2.49 -24.15
N TYR A 320 8.03 -3.52 -24.98
CA TYR A 320 9.01 -4.58 -24.74
C TYR A 320 9.84 -4.57 -26.03
N ASN A 321 11.14 -4.28 -25.91
CA ASN A 321 12.00 -4.16 -27.10
C ASN A 321 13.46 -4.46 -26.75
N VAL A 322 13.82 -5.74 -26.86
CA VAL A 322 15.16 -6.27 -26.54
C VAL A 322 16.24 -5.66 -27.44
N GLU A 323 15.92 -5.46 -28.74
CA GLU A 323 16.90 -4.86 -29.65
C GLU A 323 17.21 -3.40 -29.28
N GLU A 324 16.18 -2.60 -28.94
CA GLU A 324 16.39 -1.23 -28.49
C GLU A 324 17.16 -1.22 -27.16
N ALA A 325 16.80 -2.13 -26.21
CA ALA A 325 17.48 -2.25 -24.91
C ALA A 325 18.99 -2.53 -25.10
N LYS A 326 19.32 -3.45 -26.05
CA LYS A 326 20.73 -3.76 -26.40
C LYS A 326 21.45 -2.51 -26.90
N ARG A 327 20.82 -1.73 -27.79
CA ARG A 327 21.37 -0.49 -28.34
C ARG A 327 21.61 0.55 -27.23
N LEU A 328 20.66 0.70 -26.28
CA LEU A 328 20.80 1.66 -25.18
C LEU A 328 21.95 1.33 -24.23
N VAL A 329 22.17 0.04 -23.92
CA VAL A 329 23.27 -0.41 -23.05
C VAL A 329 24.61 -0.02 -23.74
N LYS A 330 24.72 -0.30 -25.06
CA LYS A 330 25.87 -0.03 -25.94
C LYS A 330 26.22 1.45 -25.94
N GLU A 331 25.19 2.32 -26.08
CA GLU A 331 25.37 3.77 -26.06
C GLU A 331 25.63 4.33 -24.66
N SER A 332 25.18 3.64 -23.58
CA SER A 332 25.38 4.10 -22.20
C SER A 332 26.86 4.01 -21.72
N GLY A 333 27.15 4.63 -20.58
CA GLY A 333 28.46 4.63 -19.94
C GLY A 333 28.73 3.37 -19.16
N TYR A 334 27.74 2.44 -19.11
CA TYR A 334 27.82 1.14 -18.42
C TYR A 334 29.00 0.30 -18.92
N ASP A 335 29.84 -0.18 -17.99
CA ASP A 335 31.09 -0.91 -18.24
C ASP A 335 31.04 -2.45 -18.13
N GLY A 336 30.01 -2.97 -17.49
CA GLY A 336 29.88 -4.41 -17.28
C GLY A 336 29.97 -4.75 -15.80
N THR A 337 30.25 -3.72 -14.98
CA THR A 337 30.36 -3.77 -13.51
C THR A 337 29.05 -4.33 -12.92
N PRO A 338 29.10 -5.26 -11.95
CA PRO A 338 27.83 -5.79 -11.39
C PRO A 338 27.01 -4.70 -10.70
N ILE A 339 25.67 -4.75 -10.93
CA ILE A 339 24.74 -3.80 -10.32
C ILE A 339 23.89 -4.57 -9.30
N THR A 340 23.90 -4.13 -8.04
CA THR A 340 23.14 -4.83 -7.00
C THR A 340 21.64 -4.55 -7.11
N TYR A 341 20.83 -5.51 -6.69
CA TYR A 341 19.38 -5.40 -6.66
C TYR A 341 18.99 -5.89 -5.28
N HIS A 342 18.60 -4.95 -4.40
CA HIS A 342 18.25 -5.27 -3.01
C HIS A 342 16.84 -5.81 -2.86
N THR A 343 16.73 -6.98 -2.22
CA THR A 343 15.44 -7.63 -1.98
C THR A 343 15.40 -8.23 -0.58
N MET A 344 14.26 -8.10 0.10
CA MET A 344 14.10 -8.64 1.45
C MET A 344 13.48 -10.01 1.35
N GLY A 345 14.28 -10.95 0.82
CA GLY A 345 13.89 -12.33 0.58
C GLY A 345 12.59 -12.32 -0.20
N ASN A 346 11.58 -13.06 0.28
CA ASN A 346 10.25 -13.12 -0.35
C ASN A 346 9.16 -12.33 0.38
N TYR A 347 9.52 -11.12 0.84
CA TYR A 347 8.55 -10.16 1.40
C TYR A 347 7.48 -9.94 0.34
N TYR A 348 7.91 -9.76 -0.93
CA TYR A 348 6.97 -9.66 -2.05
C TYR A 348 6.83 -11.08 -2.61
N ALA A 349 5.58 -11.51 -2.89
CA ALA A 349 5.36 -12.83 -3.50
C ALA A 349 6.12 -12.86 -4.82
N ASN A 350 6.87 -13.95 -5.06
CA ASN A 350 7.67 -14.14 -6.28
C ASN A 350 8.84 -13.16 -6.42
N ALA A 351 9.27 -12.46 -5.33
CA ALA A 351 10.40 -11.51 -5.43
C ALA A 351 11.65 -12.13 -6.05
N MET A 352 12.12 -13.23 -5.47
CA MET A 352 13.34 -13.89 -5.92
C MET A 352 13.16 -14.61 -7.26
N PRO A 353 12.08 -15.41 -7.49
CA PRO A 353 11.88 -16.01 -8.83
C PRO A 353 11.78 -14.92 -9.92
N ALA A 354 11.02 -13.82 -9.70
CA ALA A 354 10.92 -12.70 -10.67
C ALA A 354 12.34 -12.11 -10.91
N LEU A 355 13.09 -11.81 -9.82
CA LEU A 355 14.46 -11.27 -9.97
C LEU A 355 15.38 -12.19 -10.77
N MET A 356 15.35 -13.49 -10.46
CA MET A 356 16.21 -14.44 -11.16
C MET A 356 15.89 -14.56 -12.65
N MET A 357 14.60 -14.41 -13.03
CA MET A 357 14.21 -14.38 -14.43
C MET A 357 14.74 -13.11 -15.11
N MET A 358 14.60 -11.95 -14.44
CA MET A 358 15.07 -10.67 -14.97
C MET A 358 16.59 -10.60 -15.09
N ILE A 359 17.32 -11.26 -14.14
CA ILE A 359 18.78 -11.30 -14.20
C ILE A 359 19.18 -11.97 -15.54
N GLU A 360 18.44 -13.06 -15.93
CA GLU A 360 18.70 -13.74 -17.20
C GLU A 360 18.38 -12.84 -18.40
N MET A 361 17.23 -12.10 -18.33
CA MET A 361 16.84 -11.14 -19.39
C MET A 361 17.88 -10.04 -19.55
N TRP A 362 18.41 -9.54 -18.42
CA TRP A 362 19.42 -8.47 -18.43
C TRP A 362 20.81 -8.95 -18.90
N LYS A 363 21.15 -10.22 -18.61
CA LYS A 363 22.42 -10.82 -19.07
C LYS A 363 22.43 -10.82 -20.62
N GLN A 364 21.27 -11.12 -21.24
CA GLN A 364 21.09 -11.14 -22.68
C GLN A 364 21.26 -9.76 -23.34
N ILE A 365 21.09 -8.65 -22.56
CA ILE A 365 21.28 -7.28 -23.08
C ILE A 365 22.66 -6.65 -22.70
N GLY A 366 23.46 -7.40 -21.94
CA GLY A 366 24.80 -6.97 -21.54
C GLY A 366 24.90 -6.33 -20.17
N VAL A 367 23.87 -6.49 -19.32
CA VAL A 367 23.86 -5.92 -17.96
C VAL A 367 23.95 -7.04 -16.92
N ASN A 368 24.92 -6.93 -16.00
CA ASN A 368 25.11 -7.92 -14.94
C ASN A 368 24.50 -7.42 -13.67
N VAL A 369 23.33 -7.99 -13.33
CA VAL A 369 22.61 -7.63 -12.12
C VAL A 369 22.81 -8.75 -11.10
N VAL A 370 23.10 -8.37 -9.86
CA VAL A 370 23.37 -9.30 -8.77
C VAL A 370 22.36 -9.12 -7.64
N MET A 371 21.78 -10.23 -7.20
CA MET A 371 20.85 -10.22 -6.07
C MET A 371 21.62 -9.97 -4.77
N LYS A 372 21.09 -9.06 -3.93
CA LYS A 372 21.61 -8.79 -2.60
C LYS A 372 20.42 -8.87 -1.64
N THR A 373 20.43 -9.90 -0.81
CA THR A 373 19.38 -10.16 0.18
C THR A 373 19.64 -9.34 1.45
N TYR A 374 18.57 -8.81 2.06
CA TYR A 374 18.66 -8.11 3.33
C TYR A 374 17.54 -8.59 4.26
N ALA A 375 17.84 -8.74 5.56
CA ALA A 375 16.86 -9.19 6.55
C ALA A 375 16.01 -7.98 7.02
N PRO A 376 14.82 -8.16 7.64
CA PRO A 376 14.07 -6.97 8.12
C PRO A 376 14.90 -6.13 9.09
N GLY A 377 14.86 -4.81 8.89
CA GLY A 377 15.64 -3.86 9.69
C GLY A 377 17.09 -3.72 9.24
N SER A 378 17.50 -4.49 8.22
CA SER A 378 18.86 -4.42 7.72
C SER A 378 19.00 -3.84 6.29
N PHE A 379 18.05 -2.97 5.89
CA PHE A 379 18.14 -2.27 4.60
C PHE A 379 19.33 -1.33 4.77
N PRO A 380 20.37 -1.46 3.92
CA PRO A 380 21.57 -0.64 4.12
C PRO A 380 21.38 0.86 3.88
N PRO A 381 22.37 1.73 4.23
CA PRO A 381 22.22 3.16 3.91
C PRO A 381 21.98 3.32 2.40
N ASP A 382 21.17 4.32 2.01
CA ASP A 382 20.76 4.60 0.63
C ASP A 382 21.91 4.50 -0.36
N ASN A 383 23.07 5.12 -0.05
CA ASN A 383 24.23 5.12 -0.96
C ASN A 383 24.94 3.76 -1.16
N GLN A 384 24.47 2.71 -0.48
CA GLN A 384 25.00 1.36 -0.66
C GLN A 384 24.02 0.53 -1.52
N THR A 385 22.99 1.20 -2.10
CA THR A 385 21.95 0.55 -2.92
C THR A 385 21.90 1.14 -4.33
N TRP A 386 21.55 0.29 -5.28
CA TRP A 386 21.44 0.64 -6.68
C TRP A 386 19.99 0.34 -7.09
N MET A 387 19.69 -0.91 -7.46
CA MET A 387 18.31 -1.28 -7.77
C MET A 387 17.68 -1.88 -6.52
N ARG A 388 16.37 -1.81 -6.44
CA ARG A 388 15.62 -2.45 -5.35
C ARG A 388 14.22 -2.76 -5.84
N ASN A 389 13.55 -3.70 -5.20
CA ASN A 389 12.15 -3.91 -5.54
C ASN A 389 11.28 -3.11 -4.55
N TRP A 390 10.03 -2.85 -4.95
CA TRP A 390 9.04 -2.10 -4.17
C TRP A 390 7.66 -2.42 -4.73
N SER A 391 6.64 -1.83 -4.12
CA SER A 391 5.26 -1.94 -4.59
C SER A 391 4.53 -0.65 -4.23
N ASN A 392 3.43 -0.37 -4.94
CA ASN A 392 2.58 0.79 -4.63
C ASN A 392 1.13 0.38 -4.59
N GLY A 393 0.49 0.55 -3.45
CA GLY A 393 -0.95 0.34 -3.32
C GLY A 393 -1.68 1.56 -3.86
N GLN A 394 -2.63 1.38 -4.80
CA GLN A 394 -3.38 2.48 -5.43
C GLN A 394 -4.56 2.82 -4.52
N TRP A 395 -4.30 3.75 -3.59
CA TRP A 395 -5.17 4.05 -2.46
C TRP A 395 -6.28 5.08 -2.60
N MET A 396 -6.46 5.63 -3.80
CA MET A 396 -7.54 6.58 -4.06
C MET A 396 -8.39 6.12 -5.25
N THR A 397 -9.63 6.63 -5.34
CA THR A 397 -10.51 6.38 -6.50
C THR A 397 -10.19 7.46 -7.55
N ASP A 398 -8.89 7.72 -7.78
CA ASP A 398 -8.39 8.78 -8.65
C ASP A 398 -6.92 8.50 -8.98
N ALA A 399 -6.45 8.95 -10.17
CA ALA A 399 -5.04 8.76 -10.59
C ALA A 399 -4.02 9.56 -9.75
N TYR A 400 -4.49 10.48 -8.88
CA TYR A 400 -3.57 11.27 -8.04
C TYR A 400 -2.59 10.32 -7.33
N ALA A 401 -3.13 9.27 -6.71
CA ALA A 401 -2.30 8.27 -6.02
C ALA A 401 -2.05 7.07 -6.99
N THR A 402 -0.80 6.54 -7.05
CA THR A 402 0.34 6.97 -6.24
C THR A 402 1.36 7.79 -7.02
N ILE A 403 1.10 8.11 -8.30
CA ILE A 403 2.07 8.85 -9.12
C ILE A 403 2.51 10.20 -8.48
N VAL A 404 1.55 10.98 -7.98
CA VAL A 404 1.88 12.26 -7.36
C VAL A 404 2.53 12.11 -5.96
N PRO A 405 1.94 11.42 -4.95
CA PRO A 405 2.63 11.33 -3.63
C PRO A 405 4.00 10.66 -3.67
N GLU A 406 4.16 9.58 -4.48
CA GLU A 406 5.46 8.90 -4.51
C GLU A 406 6.46 9.52 -5.50
N PHE A 407 6.02 9.82 -6.74
CA PHE A 407 6.88 10.29 -7.82
C PHE A 407 6.82 11.79 -8.10
N GLY A 408 5.98 12.51 -7.35
CA GLY A 408 5.79 13.94 -7.53
C GLY A 408 6.92 14.83 -7.06
N PRO A 409 6.84 16.17 -7.32
CA PRO A 409 7.94 17.06 -6.93
C PRO A 409 8.25 17.08 -5.41
N ASN A 410 7.23 16.80 -4.59
CA ASN A 410 7.35 16.78 -3.14
C ASN A 410 7.58 15.38 -2.56
N GLY A 411 7.62 14.39 -3.44
CA GLY A 411 7.77 12.98 -3.06
C GLY A 411 9.18 12.47 -2.85
N GLN A 412 9.27 11.26 -2.31
CA GLN A 412 10.52 10.59 -1.96
C GLN A 412 11.39 10.10 -3.14
N VAL A 413 10.78 9.70 -4.27
CA VAL A 413 11.56 9.24 -5.43
C VAL A 413 12.42 10.39 -6.00
N GLN A 414 11.88 11.61 -5.95
CA GLN A 414 12.64 12.78 -6.36
C GLN A 414 13.55 13.26 -5.23
N LYS A 415 12.98 13.49 -4.04
CA LYS A 415 13.71 14.11 -2.93
C LYS A 415 14.77 13.27 -2.24
N ARG A 416 14.50 11.97 -2.08
CA ARG A 416 15.38 11.01 -1.41
C ARG A 416 16.18 10.22 -2.44
N TRP A 417 15.50 9.67 -3.45
CA TRP A 417 16.10 8.79 -4.46
C TRP A 417 16.73 9.45 -5.68
N GLY A 418 16.69 10.78 -5.72
CA GLY A 418 17.37 11.56 -6.74
C GLY A 418 16.84 11.57 -8.16
N TRP A 419 15.55 11.22 -8.38
CA TRP A 419 15.01 11.31 -9.74
C TRP A 419 14.96 12.77 -10.15
N LYS A 420 15.68 13.13 -11.22
CA LYS A 420 15.67 14.49 -11.75
C LYS A 420 14.53 14.52 -12.77
N ALA A 421 13.27 14.62 -12.28
CA ALA A 421 12.10 14.62 -13.16
C ALA A 421 12.07 15.85 -14.08
N PRO A 422 11.67 15.68 -15.37
CA PRO A 422 11.56 16.87 -16.26
C PRO A 422 10.60 17.89 -15.64
N ALA A 423 10.85 19.18 -15.87
CA ALA A 423 10.03 20.29 -15.34
C ALA A 423 8.54 20.13 -15.69
N GLU A 424 8.23 19.74 -16.93
CA GLU A 424 6.85 19.51 -17.42
C GLU A 424 6.10 18.52 -16.52
N PHE A 425 6.78 17.44 -16.08
CA PHE A 425 6.17 16.41 -15.20
C PHE A 425 5.68 17.04 -13.90
N ASN A 426 6.55 17.83 -13.24
CA ASN A 426 6.22 18.52 -11.99
C ASN A 426 5.10 19.56 -12.15
N GLU A 427 5.08 20.26 -13.30
CA GLU A 427 4.05 21.25 -13.65
C GLU A 427 2.69 20.55 -13.75
N LEU A 428 2.65 19.37 -14.42
CA LEU A 428 1.42 18.57 -14.53
C LEU A 428 0.95 18.04 -13.18
N CYS A 429 1.89 17.63 -12.28
CA CYS A 429 1.52 17.19 -10.91
C CYS A 429 0.76 18.30 -10.18
N GLN A 430 1.24 19.55 -10.29
CA GLN A 430 0.57 20.68 -9.62
C GLN A 430 -0.84 20.90 -10.21
N LYS A 431 -0.97 20.80 -11.56
CA LYS A 431 -2.26 20.97 -12.24
C LYS A 431 -3.31 19.94 -11.80
N VAL A 432 -2.97 18.64 -11.86
CA VAL A 432 -3.88 17.56 -11.47
C VAL A 432 -4.37 17.62 -10.01
N THR A 433 -3.55 18.19 -9.13
CA THR A 433 -3.85 18.33 -7.71
C THR A 433 -5.11 19.20 -7.46
N VAL A 434 -5.26 20.31 -8.21
CA VAL A 434 -6.33 21.31 -8.04
C VAL A 434 -7.52 21.24 -9.02
N LEU A 435 -7.29 20.71 -10.24
CA LEU A 435 -8.31 20.65 -11.27
C LEU A 435 -9.44 19.69 -10.96
N PRO A 436 -10.69 20.04 -11.31
CA PRO A 436 -11.76 19.03 -11.19
C PRO A 436 -11.62 18.09 -12.40
N ASN A 437 -12.27 16.95 -12.37
CA ASN A 437 -12.23 16.04 -13.51
C ASN A 437 -12.73 16.69 -14.79
N GLY A 438 -12.06 16.37 -15.88
CA GLY A 438 -12.35 16.91 -17.21
C GLY A 438 -11.23 16.60 -18.18
N LYS A 439 -11.36 17.10 -19.42
CA LYS A 439 -10.39 16.89 -20.52
C LYS A 439 -8.95 17.23 -20.17
N GLU A 440 -8.73 18.45 -19.63
CA GLU A 440 -7.42 18.94 -19.24
C GLU A 440 -6.77 18.00 -18.22
N ARG A 441 -7.47 17.67 -17.12
CA ARG A 441 -6.97 16.77 -16.07
C ARG A 441 -6.70 15.35 -16.60
N PHE A 442 -7.62 14.82 -17.43
CA PHE A 442 -7.48 13.50 -18.05
C PHE A 442 -6.21 13.45 -18.91
N ASP A 443 -6.04 14.43 -19.82
CA ASP A 443 -4.88 14.54 -20.71
C ASP A 443 -3.55 14.70 -19.96
N ALA A 444 -3.56 15.49 -18.88
CA ALA A 444 -2.38 15.72 -18.02
C ALA A 444 -1.88 14.38 -17.43
N TYR A 445 -2.80 13.56 -16.91
CA TYR A 445 -2.41 12.24 -16.36
C TYR A 445 -1.76 11.35 -17.41
N ASN A 446 -2.30 11.35 -18.65
CA ASN A 446 -1.72 10.60 -19.78
C ASN A 446 -0.33 11.10 -20.16
N ARG A 447 -0.12 12.42 -20.17
CA ARG A 447 1.21 12.98 -20.46
C ARG A 447 2.19 12.59 -19.33
N MET A 448 1.70 12.56 -18.07
CA MET A 448 2.54 12.14 -16.93
C MET A 448 2.93 10.65 -17.07
N ARG A 449 1.98 9.82 -17.53
CA ARG A 449 2.21 8.37 -17.74
C ARG A 449 3.28 8.19 -18.82
N ASP A 450 3.20 9.02 -19.88
CA ASP A 450 4.15 9.00 -21.00
C ASP A 450 5.55 9.37 -20.51
N ILE A 451 5.66 10.48 -19.74
CA ILE A 451 6.96 10.90 -19.19
C ILE A 451 7.50 9.82 -18.25
N PHE A 452 6.63 9.20 -17.42
CA PHE A 452 7.04 8.14 -16.50
C PHE A 452 7.68 6.95 -17.24
N GLU A 453 7.09 6.49 -18.35
CA GLU A 453 7.63 5.40 -19.15
C GLU A 453 8.96 5.78 -19.86
N GLU A 454 9.07 7.04 -20.31
CA GLU A 454 10.26 7.57 -21.00
C GLU A 454 11.45 7.67 -20.02
N GLU A 455 11.17 8.15 -18.81
CA GLU A 455 12.19 8.40 -17.77
C GLU A 455 12.56 7.16 -16.99
N ALA A 456 11.61 6.21 -16.83
CA ALA A 456 11.81 4.97 -16.06
C ALA A 456 12.40 5.20 -14.62
N PRO A 457 11.85 6.12 -13.76
CA PRO A 457 12.35 6.24 -12.38
C PRO A 457 12.01 4.96 -11.59
N ALA A 458 11.05 4.20 -12.10
CA ALA A 458 10.66 2.89 -11.63
C ALA A 458 10.11 2.12 -12.83
N VAL A 459 10.08 0.79 -12.73
CA VAL A 459 9.56 -0.07 -13.79
C VAL A 459 8.43 -0.89 -13.21
N ILE A 460 7.22 -0.70 -13.74
CA ILE A 460 6.04 -1.45 -13.29
C ILE A 460 6.12 -2.89 -13.81
N LEU A 461 5.99 -3.87 -12.90
CA LEU A 461 5.98 -5.28 -13.29
C LEU A 461 4.54 -5.76 -13.58
N TYR A 462 3.68 -5.76 -12.56
CA TYR A 462 2.33 -6.31 -12.69
C TYR A 462 1.56 -6.05 -11.41
N GLN A 463 0.25 -6.33 -11.44
CA GLN A 463 -0.58 -6.34 -10.26
C GLN A 463 -0.50 -7.78 -9.78
N PRO A 464 -0.05 -7.99 -8.53
CA PRO A 464 0.04 -9.37 -8.03
C PRO A 464 -1.31 -10.00 -7.75
N TYR A 465 -1.36 -11.31 -7.95
CA TYR A 465 -2.50 -12.12 -7.56
C TYR A 465 -2.13 -12.51 -6.10
N ASP A 466 -2.79 -11.86 -5.12
CA ASP A 466 -2.51 -12.07 -3.69
C ASP A 466 -3.08 -13.41 -3.24
N VAL A 467 -2.21 -14.37 -2.85
CA VAL A 467 -2.65 -15.71 -2.46
C VAL A 467 -2.54 -15.95 -0.99
N TYR A 468 -3.66 -16.30 -0.36
CA TYR A 468 -3.73 -16.74 1.02
C TYR A 468 -4.06 -18.23 1.03
N ALA A 469 -3.81 -18.89 2.16
CA ALA A 469 -4.25 -20.27 2.36
C ALA A 469 -4.86 -20.34 3.73
N ALA A 470 -5.93 -21.10 3.85
CA ALA A 470 -6.62 -21.23 5.12
C ALA A 470 -7.22 -22.60 5.35
N ARG A 471 -7.55 -22.86 6.62
CA ARG A 471 -8.32 -24.03 7.01
C ARG A 471 -9.74 -23.72 6.54
N LYS A 472 -10.40 -24.72 5.93
CA LYS A 472 -11.77 -24.61 5.42
C LYS A 472 -12.79 -24.23 6.52
N ASP A 473 -12.53 -24.62 7.80
CA ASP A 473 -13.35 -24.31 8.97
C ASP A 473 -13.24 -22.83 9.43
N VAL A 474 -12.32 -22.05 8.82
CA VAL A 474 -12.12 -20.61 9.08
C VAL A 474 -12.69 -19.86 7.85
N HIS A 475 -13.88 -19.26 8.01
CA HIS A 475 -14.57 -18.55 6.93
C HIS A 475 -14.15 -17.10 6.89
N TRP A 476 -13.43 -16.75 5.83
CA TRP A 476 -12.87 -15.42 5.61
C TRP A 476 -12.55 -15.27 4.11
N LYS A 477 -12.93 -14.13 3.52
CA LYS A 477 -12.68 -13.87 2.10
C LYS A 477 -11.65 -12.74 1.92
N PRO A 478 -10.68 -12.90 0.98
CA PRO A 478 -9.74 -11.79 0.71
C PRO A 478 -10.46 -10.61 0.06
N VAL A 479 -9.88 -9.42 0.18
CA VAL A 479 -10.39 -8.20 -0.44
C VAL A 479 -9.38 -7.73 -1.49
N SER A 480 -9.82 -6.91 -2.45
CA SER A 480 -8.94 -6.45 -3.55
C SER A 480 -7.97 -5.34 -3.15
N PHE A 481 -7.42 -5.42 -1.95
CA PHE A 481 -6.47 -4.42 -1.43
C PHE A 481 -5.54 -5.11 -0.47
N GLU A 482 -4.35 -4.53 -0.27
CA GLU A 482 -3.29 -5.06 0.59
C GLU A 482 -3.58 -5.01 2.10
N MET A 483 -4.70 -5.63 2.48
CA MET A 483 -5.11 -5.71 3.88
C MET A 483 -6.02 -6.90 4.09
N MET A 484 -6.34 -7.21 5.35
CA MET A 484 -7.30 -8.28 5.64
C MET A 484 -8.49 -7.64 6.36
N GLU A 485 -9.72 -7.87 5.86
CA GLU A 485 -10.93 -7.36 6.46
C GLU A 485 -11.65 -8.48 7.21
N PHE A 486 -11.94 -8.24 8.51
CA PHE A 486 -12.67 -9.22 9.34
C PHE A 486 -14.11 -8.82 9.71
N ARG A 487 -14.48 -7.54 9.53
CA ARG A 487 -15.84 -7.04 9.82
C ARG A 487 -16.84 -7.73 8.89
N ASN A 488 -17.78 -8.49 9.48
CA ASN A 488 -18.76 -9.30 8.74
C ASN A 488 -18.06 -10.25 7.75
N ASN A 489 -16.82 -10.66 8.07
CA ASN A 489 -16.02 -11.49 7.17
C ASN A 489 -15.05 -12.42 7.94
N LEU A 490 -15.51 -12.97 9.06
CA LEU A 490 -14.71 -13.93 9.85
C LEU A 490 -15.63 -14.72 10.75
N SER A 491 -15.61 -16.04 10.61
CA SER A 491 -16.42 -16.95 11.43
C SER A 491 -15.77 -18.32 11.42
N PHE A 492 -16.09 -19.14 12.42
CA PHE A 492 -15.50 -20.47 12.61
C PHE A 492 -16.56 -21.57 12.60
N GLY A 493 -16.23 -22.69 11.96
CA GLY A 493 -17.12 -23.86 11.90
C GLY A 493 -18.05 -23.87 10.71
#